data_2C0Y
#
_entry.id   2C0Y
#
_cell.length_a   59.860
_cell.length_b   140.540
_cell.length_c   78.610
_cell.angle_alpha   90.00
_cell.angle_beta   90.00
_cell.angle_gamma   90.00
#
_symmetry.space_group_name_H-M   'C 2 2 21'
#
loop_
_entity.id
_entity.type
_entity.pdbx_description
1 polymer 'PROCATHEPSIN S'
2 water water
#
_entity_poly.entity_id   1
_entity_poly.type   'polypeptide(L)'
_entity_poly.pdbx_seq_one_letter_code
;QLHKDPTLDHHWHLWKKTYGKQYKEKNEEAVRRLIWEKNLKFVMLHNLEHSMGMHSYDLGMNHLGDMTSEEVMSLMSSLR
VPSQWQRNITYKSNPNRILPDSVDWREKGCVTEVKYQGSCGAAWAFSAVGALEAQLKLKTGKLVSLSAQNLVDCSTEKYG
NKGCNGGFMTTAFQYIIDNKGIDSDASYPYKAMDQKCQYDSKYRAATCSKYTELPYGREDVLKEAVANKGPVSVGVDARH
PSFFLYRSGVYYEPSCTQNVNHGVLVVGYGDLNGKEYWLVKNSWGHNFGEEGYIRMARNKGNHCGIASFPSYPEI
;
_entity_poly.pdbx_strand_id   A
#
# COMPACT_ATOMS: atom_id res chain seq x y z
N LEU A 2 25.70 -14.82 7.66
CA LEU A 2 27.15 -15.14 7.92
C LEU A 2 27.66 -14.46 9.20
N HIS A 3 28.71 -13.66 9.08
CA HIS A 3 29.28 -12.97 10.23
C HIS A 3 29.10 -11.46 10.13
N LYS A 4 28.76 -10.83 11.25
CA LYS A 4 28.55 -9.39 11.26
C LYS A 4 29.85 -8.62 11.18
N ASP A 5 29.74 -7.36 10.78
CA ASP A 5 30.91 -6.52 10.67
C ASP A 5 30.96 -5.63 11.91
N PRO A 6 31.88 -5.93 12.84
CA PRO A 6 31.99 -5.14 14.06
C PRO A 6 32.09 -3.64 13.85
N THR A 7 32.65 -3.23 12.71
CA THR A 7 32.77 -1.80 12.42
C THR A 7 31.41 -1.13 12.28
N LEU A 8 30.37 -1.93 12.06
CA LEU A 8 29.02 -1.37 11.91
C LEU A 8 28.19 -1.42 13.20
N ASP A 9 28.77 -1.99 14.26
CA ASP A 9 28.08 -2.10 15.55
C ASP A 9 27.41 -0.83 16.03
N HIS A 10 28.17 0.27 16.02
CA HIS A 10 27.62 1.53 16.47
C HIS A 10 26.43 2.00 15.63
N HIS A 11 26.55 1.86 14.30
CA HIS A 11 25.48 2.28 13.42
C HIS A 11 24.24 1.41 13.57
N TRP A 12 24.46 0.12 13.82
CA TRP A 12 23.37 -0.84 14.02
C TRP A 12 22.60 -0.46 15.27
N HIS A 13 23.35 -0.03 16.27
CA HIS A 13 22.78 0.40 17.53
C HIS A 13 21.96 1.65 17.28
N LEU A 14 22.55 2.60 16.55
CA LEU A 14 21.86 3.85 16.23
C LEU A 14 20.58 3.58 15.43
N TRP A 15 20.64 2.65 14.49
CA TRP A 15 19.48 2.34 13.67
C TRP A 15 18.34 1.77 14.51
N LYS A 16 18.69 0.84 15.41
CA LYS A 16 17.67 0.24 16.25
C LYS A 16 16.99 1.31 17.11
N LYS A 17 17.79 2.17 17.73
CA LYS A 17 17.24 3.22 18.56
C LYS A 17 16.33 4.16 17.75
N THR A 18 16.74 4.51 16.55
CA THR A 18 15.94 5.40 15.72
C THR A 18 14.54 4.83 15.44
N TYR A 19 14.44 3.54 15.17
CA TYR A 19 13.15 2.95 14.88
C TYR A 19 12.53 2.15 16.01
N GLY A 20 13.12 2.26 17.20
CA GLY A 20 12.61 1.54 18.36
C GLY A 20 12.63 0.03 18.24
N LYS A 21 13.61 -0.51 17.53
CA LYS A 21 13.70 -1.96 17.38
C LYS A 21 14.03 -2.60 18.72
N GLN A 22 13.33 -3.67 19.06
CA GLN A 22 13.57 -4.39 20.31
C GLN A 22 13.43 -5.87 20.01
N TYR A 23 14.49 -6.64 20.18
CA TYR A 23 14.43 -8.06 19.89
C TYR A 23 14.50 -8.85 21.19
N LYS A 24 13.33 -9.29 21.66
CA LYS A 24 13.24 -10.02 22.92
C LYS A 24 13.45 -11.53 22.85
N GLU A 25 13.46 -12.08 21.64
CA GLU A 25 13.64 -13.52 21.50
C GLU A 25 15.13 -13.83 21.37
N LYS A 26 15.56 -14.92 22.00
CA LYS A 26 16.97 -15.28 21.96
C LYS A 26 17.46 -15.53 20.55
N ASN A 27 18.61 -14.94 20.23
CA ASN A 27 19.23 -15.07 18.92
C ASN A 27 18.54 -14.26 17.83
N GLU A 28 17.42 -13.62 18.15
CA GLU A 28 16.75 -12.80 17.15
C GLU A 28 17.69 -11.66 16.78
N GLU A 29 18.26 -11.00 17.78
CA GLU A 29 19.19 -9.89 17.58
C GLU A 29 20.17 -10.17 16.45
N ALA A 30 20.94 -11.25 16.58
CA ALA A 30 21.94 -11.63 15.60
C ALA A 30 21.37 -11.80 14.20
N VAL A 31 20.25 -12.50 14.09
CA VAL A 31 19.62 -12.72 12.78
C VAL A 31 19.23 -11.39 12.14
N ARG A 32 18.63 -10.52 12.94
CA ARG A 32 18.20 -9.22 12.46
C ARG A 32 19.39 -8.42 11.96
N ARG A 33 20.47 -8.42 12.74
CA ARG A 33 21.68 -7.70 12.39
C ARG A 33 22.20 -8.09 11.01
N LEU A 34 22.18 -9.38 10.71
CA LEU A 34 22.66 -9.88 9.42
C LEU A 34 21.76 -9.45 8.27
N ILE A 35 20.45 -9.43 8.52
CA ILE A 35 19.52 -9.00 7.48
C ILE A 35 19.77 -7.53 7.22
N TRP A 36 19.95 -6.79 8.31
CA TRP A 36 20.21 -5.36 8.22
C TRP A 36 21.48 -5.08 7.41
N GLU A 37 22.54 -5.83 7.66
CA GLU A 37 23.78 -5.60 6.92
C GLU A 37 23.62 -5.87 5.43
N LYS A 38 22.89 -6.93 5.10
CA LYS A 38 22.68 -7.27 3.69
C LYS A 38 21.87 -6.15 3.00
N ASN A 39 20.85 -5.64 3.68
CA ASN A 39 20.06 -4.56 3.07
C ASN A 39 20.88 -3.27 2.95
N LEU A 40 21.74 -3.02 3.94
CA LEU A 40 22.59 -1.82 3.93
C LEU A 40 23.51 -1.84 2.72
N LYS A 41 24.07 -3.01 2.42
CA LYS A 41 24.95 -3.12 1.27
C LYS A 41 24.13 -2.95 -0.01
N PHE A 42 22.90 -3.48 -0.01
CA PHE A 42 22.05 -3.33 -1.19
C PHE A 42 21.73 -1.85 -1.37
N VAL A 43 21.33 -1.19 -0.30
CA VAL A 43 21.00 0.23 -0.33
C VAL A 43 22.20 1.07 -0.77
N MET A 44 23.36 0.76 -0.19
CA MET A 44 24.57 1.49 -0.52
C MET A 44 24.91 1.40 -2.01
N LEU A 45 24.91 0.18 -2.53
CA LEU A 45 25.25 -0.02 -3.94
C LEU A 45 24.25 0.66 -4.86
N HIS A 46 22.98 0.61 -4.51
CA HIS A 46 21.98 1.23 -5.36
C HIS A 46 22.10 2.75 -5.36
N ASN A 47 22.37 3.33 -4.21
CA ASN A 47 22.48 4.76 -4.16
C ASN A 47 23.75 5.24 -4.88
N LEU A 48 24.78 4.41 -4.85
CA LEU A 48 26.03 4.70 -5.54
C LEU A 48 25.67 4.83 -7.02
N GLU A 49 24.94 3.83 -7.51
CA GLU A 49 24.51 3.81 -8.90
C GLU A 49 23.65 5.03 -9.18
N HIS A 50 22.80 5.38 -8.22
CA HIS A 50 21.92 6.54 -8.37
C HIS A 50 22.73 7.83 -8.46
N SER A 51 23.82 7.90 -7.69
CA SER A 51 24.65 9.09 -7.70
C SER A 51 25.32 9.22 -9.07
N MET A 52 25.38 8.10 -9.80
CA MET A 52 25.97 8.13 -11.13
C MET A 52 24.85 8.21 -12.17
N GLY A 53 23.68 8.67 -11.72
CA GLY A 53 22.54 8.84 -12.61
C GLY A 53 22.00 7.58 -13.26
N MET A 54 22.03 6.47 -12.55
CA MET A 54 21.56 5.21 -13.11
C MET A 54 20.11 4.86 -12.76
N HIS A 55 19.49 5.63 -11.89
CA HIS A 55 18.12 5.36 -11.49
C HIS A 55 17.38 6.65 -11.23
N SER A 56 16.07 6.62 -11.38
CA SER A 56 15.25 7.78 -11.13
C SER A 56 14.78 7.83 -9.66
N TYR A 57 15.24 6.86 -8.86
CA TYR A 57 14.88 6.78 -7.45
C TYR A 57 16.03 6.21 -6.60
N ASP A 58 16.02 6.52 -5.31
CA ASP A 58 17.03 6.01 -4.40
C ASP A 58 16.40 5.19 -3.26
N LEU A 59 17.23 4.53 -2.46
CA LEU A 59 16.76 3.68 -1.38
C LEU A 59 17.24 4.15 0.00
N GLY A 60 16.61 3.65 1.05
CA GLY A 60 17.01 4.02 2.40
C GLY A 60 16.78 2.88 3.37
N MET A 61 17.49 2.88 4.49
CA MET A 61 17.30 1.83 5.50
C MET A 61 16.13 2.26 6.38
N ASN A 62 14.90 2.09 5.89
CA ASN A 62 13.73 2.47 6.69
C ASN A 62 13.49 1.36 7.73
N HIS A 63 12.34 1.36 8.39
CA HIS A 63 12.04 0.35 9.41
C HIS A 63 11.96 -1.10 8.94
N LEU A 64 11.90 -1.27 7.62
CA LEU A 64 11.81 -2.60 7.03
C LEU A 64 13.21 -3.18 6.79
N GLY A 65 14.24 -2.40 7.11
CA GLY A 65 15.60 -2.85 6.89
C GLY A 65 16.03 -4.15 7.55
N ASP A 66 15.22 -4.65 8.48
CA ASP A 66 15.52 -5.89 9.19
C ASP A 66 14.44 -6.94 9.00
N MET A 67 13.60 -6.78 7.98
CA MET A 67 12.51 -7.73 7.76
C MET A 67 12.99 -9.13 7.39
N THR A 68 12.42 -10.11 8.08
CA THR A 68 12.73 -11.51 7.87
C THR A 68 11.95 -12.12 6.71
N SER A 69 12.35 -13.32 6.33
CA SER A 69 11.75 -14.08 5.25
C SER A 69 10.27 -14.28 5.58
N GLU A 70 10.01 -14.59 6.85
CA GLU A 70 8.66 -14.81 7.33
C GLU A 70 7.83 -13.53 7.16
N GLU A 71 8.34 -12.42 7.66
CA GLU A 71 7.63 -11.16 7.58
C GLU A 71 7.38 -10.72 6.14
N VAL A 72 8.38 -10.95 5.26
CA VAL A 72 8.22 -10.60 3.85
C VAL A 72 7.06 -11.43 3.29
N MET A 73 6.99 -12.69 3.69
CA MET A 73 5.93 -13.59 3.23
C MET A 73 4.55 -13.01 3.54
N SER A 74 4.31 -12.73 4.81
CA SER A 74 3.03 -12.17 5.21
C SER A 74 2.72 -10.93 4.38
N LEU A 75 3.70 -10.05 4.32
CA LEU A 75 3.58 -8.79 3.59
C LEU A 75 3.16 -9.01 2.14
N MET A 76 3.71 -10.06 1.53
CA MET A 76 3.39 -10.37 0.14
C MET A 76 2.23 -11.34 0.03
N SER A 77 1.41 -11.41 1.07
CA SER A 77 0.25 -12.30 1.08
C SER A 77 -1.02 -11.51 1.34
N SER A 78 -0.93 -10.18 1.33
CA SER A 78 -2.09 -9.34 1.56
C SER A 78 -3.13 -9.45 0.45
N LEU A 79 -2.69 -9.64 -0.80
CA LEU A 79 -3.64 -9.71 -1.91
C LEU A 79 -4.09 -11.07 -2.39
N ARG A 80 -5.37 -11.34 -2.26
CA ARG A 80 -5.91 -12.60 -2.76
C ARG A 80 -6.65 -12.15 -4.02
N VAL A 81 -5.89 -11.78 -5.04
CA VAL A 81 -6.48 -11.30 -6.29
C VAL A 81 -7.22 -12.39 -7.04
N PRO A 82 -8.38 -12.06 -7.61
CA PRO A 82 -9.17 -13.02 -8.37
C PRO A 82 -8.62 -13.15 -9.78
N SER A 83 -9.27 -13.97 -10.59
CA SER A 83 -8.86 -14.15 -11.97
C SER A 83 -9.33 -12.93 -12.75
N GLN A 84 -8.58 -12.56 -13.79
CA GLN A 84 -8.96 -11.39 -14.59
C GLN A 84 -10.38 -11.50 -15.12
N TRP A 85 -10.68 -12.61 -15.80
CA TRP A 85 -11.99 -12.82 -16.39
C TRP A 85 -13.11 -12.90 -15.36
N GLN A 86 -12.76 -12.78 -14.08
CA GLN A 86 -13.75 -12.82 -13.01
C GLN A 86 -14.05 -11.44 -12.47
N ARG A 87 -13.68 -10.41 -13.21
CA ARG A 87 -13.93 -9.05 -12.77
C ARG A 87 -15.03 -8.41 -13.59
N ASN A 88 -16.05 -7.89 -12.91
CA ASN A 88 -17.15 -7.25 -13.60
C ASN A 88 -16.68 -5.89 -14.11
N ILE A 89 -16.07 -5.90 -15.30
CA ILE A 89 -15.52 -4.69 -15.91
C ILE A 89 -16.57 -3.83 -16.60
N THR A 90 -16.83 -2.66 -16.02
CA THR A 90 -17.81 -1.73 -16.56
C THR A 90 -17.20 -0.35 -16.83
N TYR A 91 -17.42 0.57 -15.91
CA TYR A 91 -16.90 1.93 -16.04
C TYR A 91 -17.42 2.60 -17.31
N ILE A 98 -10.28 13.94 -22.49
CA ILE A 98 -9.25 14.98 -22.19
C ILE A 98 -9.06 15.13 -20.68
N LEU A 99 -7.81 15.04 -20.23
CA LEU A 99 -7.50 15.11 -18.80
C LEU A 99 -6.28 15.96 -18.48
N PRO A 100 -6.18 16.44 -17.23
CA PRO A 100 -5.03 17.27 -16.86
C PRO A 100 -3.78 16.41 -16.82
N ASP A 101 -2.62 17.02 -17.00
CA ASP A 101 -1.36 16.29 -17.01
C ASP A 101 -0.98 15.78 -15.62
N SER A 102 -1.53 16.38 -14.58
CA SER A 102 -1.21 15.98 -13.21
C SER A 102 -2.42 16.04 -12.31
N VAL A 103 -2.41 15.20 -11.28
CA VAL A 103 -3.49 15.14 -10.31
C VAL A 103 -2.97 14.68 -8.95
N ASP A 104 -3.46 15.31 -7.89
CA ASP A 104 -3.07 14.93 -6.53
C ASP A 104 -4.28 15.20 -5.65
N TRP A 105 -5.01 14.14 -5.34
CA TRP A 105 -6.20 14.28 -4.51
C TRP A 105 -5.93 14.79 -3.11
N ARG A 106 -4.66 14.82 -2.73
CA ARG A 106 -4.32 15.32 -1.40
C ARG A 106 -4.59 16.82 -1.40
N GLU A 107 -4.40 17.46 -2.55
CA GLU A 107 -4.61 18.89 -2.63
C GLU A 107 -6.07 19.23 -2.40
N LYS A 108 -6.95 18.29 -2.68
CA LYS A 108 -8.38 18.53 -2.48
C LYS A 108 -8.85 18.00 -1.13
N GLY A 109 -7.91 17.59 -0.28
CA GLY A 109 -8.26 17.07 1.01
C GLY A 109 -9.09 15.80 0.96
N CYS A 110 -8.79 14.92 0.01
CA CYS A 110 -9.54 13.68 -0.11
C CYS A 110 -8.74 12.44 0.32
N VAL A 111 -7.58 12.65 0.95
CA VAL A 111 -6.72 11.54 1.39
C VAL A 111 -6.38 11.67 2.89
N THR A 112 -6.73 10.67 3.69
CA THR A 112 -6.44 10.69 5.12
C THR A 112 -4.96 10.42 5.34
N GLU A 113 -4.48 10.60 6.56
CA GLU A 113 -3.07 10.36 6.85
C GLU A 113 -2.74 8.89 6.62
N VAL A 114 -1.49 8.63 6.25
CA VAL A 114 -1.02 7.28 6.00
C VAL A 114 -1.10 6.37 7.24
N LYS A 115 -1.52 5.13 7.04
CA LYS A 115 -1.63 4.17 8.13
C LYS A 115 -0.42 3.24 8.20
N TYR A 116 -0.37 2.41 9.24
CA TYR A 116 0.74 1.48 9.48
C TYR A 116 0.14 0.09 9.68
N GLN A 117 0.20 -0.76 8.66
CA GLN A 117 -0.40 -2.09 8.79
C GLN A 117 0.32 -3.00 9.78
N GLY A 118 1.60 -2.76 9.99
CA GLY A 118 2.35 -3.57 10.93
C GLY A 118 2.56 -4.99 10.45
N SER A 119 2.39 -5.96 11.35
CA SER A 119 2.58 -7.37 11.03
C SER A 119 1.29 -8.11 10.70
N CYS A 120 0.40 -7.46 9.96
CA CYS A 120 -0.86 -8.08 9.56
C CYS A 120 -1.03 -7.77 8.07
N GLY A 121 -1.30 -8.80 7.28
CA GLY A 121 -1.47 -8.63 5.84
C GLY A 121 -2.81 -8.04 5.45
N ALA A 122 -3.13 -6.85 5.95
CA ALA A 122 -4.41 -6.21 5.65
C ALA A 122 -4.33 -5.06 4.64
N ALA A 123 -3.29 -5.06 3.81
CA ALA A 123 -3.10 -4.01 2.81
C ALA A 123 -4.35 -3.83 1.97
N TRP A 124 -5.01 -4.94 1.67
CA TRP A 124 -6.23 -4.92 0.90
C TRP A 124 -7.29 -4.07 1.57
N ALA A 125 -7.38 -4.17 2.88
CA ALA A 125 -8.39 -3.41 3.61
C ALA A 125 -8.04 -1.92 3.60
N PHE A 126 -6.77 -1.58 3.81
CA PHE A 126 -6.35 -0.19 3.79
C PHE A 126 -6.56 0.42 2.40
N SER A 127 -6.33 -0.37 1.36
CA SER A 127 -6.53 0.12 0.00
C SER A 127 -8.01 0.45 -0.19
N ALA A 128 -8.86 -0.46 0.29
CA ALA A 128 -10.30 -0.29 0.14
C ALA A 128 -10.83 0.95 0.89
N VAL A 129 -10.54 1.07 2.17
CA VAL A 129 -11.03 2.22 2.94
C VAL A 129 -10.45 3.51 2.40
N GLY A 130 -9.20 3.46 1.96
CA GLY A 130 -8.57 4.64 1.42
C GLY A 130 -9.37 5.18 0.26
N ALA A 131 -9.72 4.30 -0.67
CA ALA A 131 -10.50 4.68 -1.84
C ALA A 131 -11.87 5.20 -1.41
N LEU A 132 -12.49 4.57 -0.41
CA LEU A 132 -13.80 5.02 0.04
C LEU A 132 -13.71 6.34 0.81
N GLU A 133 -12.61 6.56 1.51
CA GLU A 133 -12.45 7.80 2.27
C GLU A 133 -12.56 9.03 1.37
N ALA A 134 -12.03 8.92 0.15
CA ALA A 134 -12.08 10.04 -0.79
C ALA A 134 -13.52 10.33 -1.22
N GLN A 135 -14.27 9.28 -1.50
CA GLN A 135 -15.65 9.45 -1.93
C GLN A 135 -16.49 10.08 -0.82
N LEU A 136 -16.20 9.71 0.43
CA LEU A 136 -16.93 10.23 1.58
C LEU A 136 -16.76 11.76 1.65
N LYS A 137 -15.51 12.18 1.50
CA LYS A 137 -15.18 13.60 1.55
C LYS A 137 -15.88 14.34 0.42
N LEU A 138 -15.98 13.70 -0.73
CA LEU A 138 -16.64 14.33 -1.88
C LEU A 138 -18.15 14.33 -1.71
N LYS A 139 -18.64 13.58 -0.72
CA LYS A 139 -20.07 13.48 -0.50
C LYS A 139 -20.54 14.26 0.73
N THR A 140 -19.71 14.32 1.76
CA THR A 140 -20.09 15.01 2.98
C THR A 140 -19.21 16.22 3.26
N GLY A 141 -18.08 16.32 2.57
CA GLY A 141 -17.19 17.44 2.79
C GLY A 141 -16.29 17.25 3.99
N LYS A 142 -16.42 16.13 4.70
CA LYS A 142 -15.58 15.87 5.87
C LYS A 142 -14.67 14.66 5.67
N LEU A 143 -13.37 14.84 5.87
CA LEU A 143 -12.41 13.76 5.71
C LEU A 143 -12.36 12.90 6.98
N VAL A 144 -12.74 11.64 6.87
CA VAL A 144 -12.74 10.75 8.02
C VAL A 144 -12.10 9.39 7.70
N SER A 145 -11.12 8.99 8.51
CA SER A 145 -10.47 7.71 8.28
C SER A 145 -11.45 6.58 8.57
N LEU A 146 -11.58 5.64 7.64
CA LEU A 146 -12.50 4.54 7.83
C LEU A 146 -11.79 3.31 8.41
N SER A 147 -12.55 2.45 9.09
CA SER A 147 -12.01 1.28 9.77
C SER A 147 -11.58 0.08 8.95
N ALA A 148 -10.27 -0.05 8.74
CA ALA A 148 -9.74 -1.18 8.01
C ALA A 148 -9.98 -2.41 8.91
N GLN A 149 -9.85 -2.23 10.22
CA GLN A 149 -10.05 -3.34 11.15
C GLN A 149 -11.43 -3.95 10.97
N ASN A 150 -12.42 -3.09 10.71
CA ASN A 150 -13.79 -3.50 10.49
C ASN A 150 -13.83 -4.49 9.31
N LEU A 151 -13.06 -4.21 8.26
CA LEU A 151 -13.01 -5.09 7.09
C LEU A 151 -12.30 -6.39 7.45
N VAL A 152 -11.22 -6.28 8.20
CA VAL A 152 -10.45 -7.46 8.61
C VAL A 152 -11.29 -8.42 9.46
N ASP A 153 -12.00 -7.91 10.46
CA ASP A 153 -12.82 -8.76 11.33
C ASP A 153 -14.17 -9.22 10.79
N CYS A 154 -14.75 -8.42 9.90
CA CYS A 154 -16.08 -8.72 9.40
C CYS A 154 -16.20 -9.20 7.97
N SER A 155 -15.41 -8.62 7.07
CA SER A 155 -15.45 -9.01 5.66
C SER A 155 -14.53 -10.20 5.54
N THR A 156 -15.01 -11.36 6.01
CA THR A 156 -14.21 -12.59 6.01
C THR A 156 -14.56 -13.66 4.96
N GLU A 157 -14.61 -14.92 5.41
CA GLU A 157 -14.89 -16.07 4.54
C GLU A 157 -15.98 -15.83 3.50
N LYS A 158 -17.10 -15.30 3.94
CA LYS A 158 -18.23 -15.04 3.05
C LYS A 158 -17.77 -14.19 1.87
N TYR A 159 -16.71 -13.41 2.05
CA TYR A 159 -16.18 -12.56 0.99
C TYR A 159 -14.82 -13.00 0.45
N GLY A 160 -14.40 -14.20 0.83
CA GLY A 160 -13.12 -14.71 0.36
C GLY A 160 -11.91 -14.03 0.98
N ASN A 161 -12.14 -13.27 2.05
CA ASN A 161 -11.04 -12.59 2.72
C ASN A 161 -10.62 -13.37 3.96
N LYS A 162 -9.34 -13.29 4.30
CA LYS A 162 -8.79 -13.99 5.44
C LYS A 162 -8.10 -13.08 6.44
N GLY A 163 -8.70 -11.93 6.71
CA GLY A 163 -8.14 -10.99 7.65
C GLY A 163 -6.67 -10.69 7.41
N CYS A 164 -5.84 -10.94 8.42
CA CYS A 164 -4.41 -10.70 8.34
C CYS A 164 -3.70 -11.64 7.38
N ASN A 165 -4.42 -12.63 6.85
CA ASN A 165 -3.83 -13.56 5.90
C ASN A 165 -4.18 -13.21 4.45
N GLY A 166 -4.72 -12.01 4.23
CA GLY A 166 -5.04 -11.57 2.88
C GLY A 166 -6.51 -11.39 2.52
N GLY A 167 -6.75 -10.67 1.43
CA GLY A 167 -8.10 -10.42 0.96
C GLY A 167 -8.06 -9.56 -0.30
N PHE A 168 -9.19 -9.02 -0.74
CA PHE A 168 -9.20 -8.18 -1.95
C PHE A 168 -10.13 -6.99 -1.78
N MET A 169 -9.82 -5.90 -2.48
CA MET A 169 -10.60 -4.69 -2.33
C MET A 169 -12.06 -4.74 -2.79
N THR A 170 -12.34 -5.43 -3.89
CA THR A 170 -13.71 -5.48 -4.40
C THR A 170 -14.67 -6.25 -3.49
N THR A 171 -14.19 -7.35 -2.91
CA THR A 171 -15.03 -8.11 -1.99
C THR A 171 -15.20 -7.25 -0.73
N ALA A 172 -14.19 -6.47 -0.38
CA ALA A 172 -14.32 -5.59 0.78
C ALA A 172 -15.42 -4.55 0.49
N PHE A 173 -15.42 -3.95 -0.70
CA PHE A 173 -16.45 -2.97 -1.04
C PHE A 173 -17.81 -3.66 -1.01
N GLN A 174 -17.87 -4.92 -1.46
CA GLN A 174 -19.12 -5.65 -1.48
C GLN A 174 -19.65 -5.83 -0.07
N TYR A 175 -18.76 -6.10 0.87
CA TYR A 175 -19.16 -6.27 2.26
C TYR A 175 -19.76 -4.95 2.76
N ILE A 176 -19.09 -3.85 2.49
CA ILE A 176 -19.61 -2.56 2.95
C ILE A 176 -21.02 -2.33 2.39
N ILE A 177 -21.22 -2.70 1.13
CA ILE A 177 -22.53 -2.55 0.50
C ILE A 177 -23.56 -3.44 1.20
N ASP A 178 -23.23 -4.72 1.34
CA ASP A 178 -24.13 -5.66 2.01
C ASP A 178 -24.40 -5.23 3.45
N ASN A 179 -23.34 -4.89 4.17
CA ASN A 179 -23.42 -4.49 5.57
C ASN A 179 -24.12 -3.14 5.72
N LYS A 180 -24.32 -2.46 4.61
CA LYS A 180 -24.95 -1.16 4.58
C LYS A 180 -24.18 -0.14 5.42
N GLY A 181 -22.85 -0.27 5.42
CA GLY A 181 -22.04 0.68 6.17
C GLY A 181 -20.72 0.18 6.72
N ILE A 182 -19.86 1.13 7.05
CA ILE A 182 -18.57 0.82 7.64
C ILE A 182 -18.28 1.84 8.74
N ASP A 183 -17.67 1.37 9.82
CA ASP A 183 -17.36 2.25 10.93
C ASP A 183 -16.13 3.11 10.68
N SER A 184 -16.00 4.14 11.50
CA SER A 184 -14.87 5.05 11.41
C SER A 184 -13.71 4.31 12.04
N ASP A 185 -12.50 4.67 11.67
CA ASP A 185 -11.33 4.02 12.23
C ASP A 185 -11.22 4.37 13.71
N ALA A 186 -11.54 5.61 14.08
CA ALA A 186 -11.47 6.03 15.46
C ALA A 186 -12.33 5.18 16.41
N SER A 187 -13.55 4.84 16.00
CA SER A 187 -14.43 4.02 16.85
C SER A 187 -14.10 2.54 16.77
N TYR A 188 -13.43 2.14 15.70
CA TYR A 188 -13.09 0.74 15.48
C TYR A 188 -11.66 0.74 14.94
N PRO A 189 -10.70 1.09 15.80
CA PRO A 189 -9.27 1.17 15.52
C PRO A 189 -8.58 -0.11 15.08
N TYR A 190 -7.49 0.07 14.33
CA TYR A 190 -6.73 -1.04 13.80
C TYR A 190 -5.82 -1.64 14.88
N LYS A 191 -5.90 -2.96 15.05
CA LYS A 191 -5.14 -3.69 16.05
C LYS A 191 -4.14 -4.64 15.39
N ALA A 192 -4.13 -4.67 14.06
CA ALA A 192 -3.22 -5.56 13.33
C ALA A 192 -3.40 -7.01 13.80
N MET A 193 -4.66 -7.43 13.99
CA MET A 193 -4.97 -8.79 14.44
C MET A 193 -6.33 -9.24 13.91
N ASP A 194 -6.56 -10.55 13.87
CA ASP A 194 -7.83 -11.07 13.41
C ASP A 194 -8.71 -11.23 14.64
N GLN A 195 -9.66 -10.32 14.79
CA GLN A 195 -10.51 -10.37 15.97
C GLN A 195 -11.99 -10.54 15.61
N LYS A 196 -12.83 -10.73 16.62
CA LYS A 196 -14.25 -10.90 16.38
C LYS A 196 -14.83 -9.65 15.73
N CYS A 197 -15.75 -9.84 14.78
CA CYS A 197 -16.37 -8.69 14.11
C CYS A 197 -17.09 -7.84 15.14
N GLN A 198 -16.75 -6.56 15.19
CA GLN A 198 -17.37 -5.64 16.15
C GLN A 198 -18.09 -4.45 15.53
N TYR A 199 -18.55 -4.62 14.29
CA TYR A 199 -19.25 -3.54 13.60
C TYR A 199 -20.36 -2.96 14.47
N ASP A 200 -20.40 -1.64 14.54
CA ASP A 200 -21.42 -0.97 15.34
C ASP A 200 -22.06 0.10 14.47
N SER A 201 -23.28 -0.16 14.03
CA SER A 201 -24.00 0.79 13.19
C SER A 201 -24.05 2.16 13.82
N LYS A 202 -24.02 2.22 15.16
CA LYS A 202 -24.07 3.49 15.86
C LYS A 202 -22.95 4.43 15.44
N TYR A 203 -21.81 3.86 15.05
CA TYR A 203 -20.67 4.67 14.65
C TYR A 203 -20.32 4.58 13.17
N ARG A 204 -21.33 4.30 12.34
CA ARG A 204 -21.11 4.20 10.90
C ARG A 204 -20.64 5.55 10.40
N ALA A 205 -19.54 5.55 9.65
CA ALA A 205 -18.97 6.80 9.14
C ALA A 205 -19.13 6.92 7.63
N ALA A 206 -19.46 5.81 6.99
CA ALA A 206 -19.64 5.83 5.54
C ALA A 206 -20.43 4.63 5.06
N THR A 207 -20.86 4.71 3.80
CA THR A 207 -21.63 3.67 3.17
C THR A 207 -21.06 3.46 1.77
N CYS A 208 -21.43 2.35 1.14
CA CYS A 208 -20.96 2.10 -0.21
C CYS A 208 -22.16 1.60 -0.98
N SER A 209 -22.39 2.14 -2.17
CA SER A 209 -23.54 1.72 -2.97
C SER A 209 -23.10 0.80 -4.08
N LYS A 210 -21.86 0.97 -4.52
CA LYS A 210 -21.31 0.15 -5.58
C LYS A 210 -19.84 0.48 -5.79
N TYR A 211 -19.22 -0.30 -6.65
CA TYR A 211 -17.82 -0.10 -7.01
C TYR A 211 -17.69 -0.42 -8.49
N THR A 212 -16.62 0.05 -9.09
CA THR A 212 -16.38 -0.14 -10.50
C THR A 212 -15.00 -0.71 -10.74
N GLU A 213 -14.93 -1.73 -11.60
CA GLU A 213 -13.66 -2.33 -11.92
C GLU A 213 -13.21 -1.82 -13.29
N LEU A 214 -11.93 -1.50 -13.43
CA LEU A 214 -11.41 -1.00 -14.69
C LEU A 214 -10.73 -2.08 -15.51
N PRO A 215 -10.71 -1.91 -16.84
CA PRO A 215 -10.08 -2.88 -17.76
C PRO A 215 -8.59 -3.06 -17.50
N TYR A 216 -8.15 -4.31 -17.50
CA TYR A 216 -6.76 -4.69 -17.27
C TYR A 216 -5.72 -3.95 -18.11
N GLY A 217 -4.60 -3.60 -17.49
CA GLY A 217 -3.51 -2.93 -18.17
C GLY A 217 -3.77 -1.63 -18.90
N ARG A 218 -4.87 -0.96 -18.58
CA ARG A 218 -5.16 0.30 -19.25
C ARG A 218 -4.76 1.49 -18.40
N GLU A 219 -3.51 1.91 -18.51
CA GLU A 219 -3.04 3.06 -17.72
C GLU A 219 -3.71 4.34 -18.18
N ASP A 220 -4.21 4.34 -19.41
CA ASP A 220 -4.88 5.49 -19.95
C ASP A 220 -6.24 5.63 -19.25
N VAL A 221 -6.92 4.51 -19.06
CA VAL A 221 -8.24 4.48 -18.40
C VAL A 221 -8.05 4.74 -16.90
N LEU A 222 -6.97 4.21 -16.33
CA LEU A 222 -6.69 4.41 -14.92
C LEU A 222 -6.50 5.91 -14.71
N LYS A 223 -5.78 6.54 -15.64
CA LYS A 223 -5.56 7.98 -15.57
C LYS A 223 -6.91 8.69 -15.54
N GLU A 224 -7.82 8.27 -16.42
CA GLU A 224 -9.14 8.89 -16.49
C GLU A 224 -9.93 8.77 -15.20
N ALA A 225 -9.96 7.56 -14.65
CA ALA A 225 -10.70 7.34 -13.41
C ALA A 225 -10.10 8.17 -12.25
N VAL A 226 -8.78 8.18 -12.15
CA VAL A 226 -8.16 8.95 -11.07
C VAL A 226 -8.50 10.43 -11.16
N ALA A 227 -8.49 10.96 -12.39
CA ALA A 227 -8.77 12.37 -12.62
C ALA A 227 -10.24 12.76 -12.50
N ASN A 228 -11.15 11.88 -12.91
CA ASN A 228 -12.57 12.21 -12.87
C ASN A 228 -13.37 11.57 -11.76
N LYS A 229 -12.91 10.44 -11.24
CA LYS A 229 -13.65 9.78 -10.18
C LYS A 229 -12.97 9.94 -8.83
N GLY A 230 -11.66 9.70 -8.80
CA GLY A 230 -10.91 9.83 -7.55
C GLY A 230 -9.94 8.68 -7.35
N PRO A 231 -9.26 8.63 -6.19
CA PRO A 231 -8.30 7.57 -5.89
C PRO A 231 -8.85 6.19 -6.23
N VAL A 232 -8.00 5.38 -6.83
CA VAL A 232 -8.38 4.03 -7.25
C VAL A 232 -7.59 2.96 -6.55
N SER A 233 -8.28 1.98 -6.00
CA SER A 233 -7.64 0.86 -5.33
C SER A 233 -6.94 0.01 -6.39
N VAL A 234 -5.69 -0.35 -6.14
CA VAL A 234 -4.95 -1.19 -7.08
C VAL A 234 -3.96 -2.13 -6.38
N GLY A 235 -3.53 -3.14 -7.12
CA GLY A 235 -2.55 -4.07 -6.60
C GLY A 235 -1.30 -3.90 -7.42
N VAL A 236 -0.14 -4.08 -6.79
CA VAL A 236 1.15 -3.96 -7.48
C VAL A 236 2.03 -5.12 -7.01
N ASP A 237 3.08 -5.39 -7.76
CA ASP A 237 4.03 -6.43 -7.42
C ASP A 237 5.07 -5.70 -6.59
N ALA A 238 5.05 -5.90 -5.28
CA ALA A 238 6.02 -5.22 -4.43
C ALA A 238 7.08 -6.19 -3.89
N ARG A 239 7.07 -7.43 -4.35
CA ARG A 239 8.04 -8.44 -3.89
C ARG A 239 9.48 -8.11 -4.31
N HIS A 240 9.93 -6.91 -3.99
CA HIS A 240 11.28 -6.51 -4.35
C HIS A 240 11.91 -5.60 -3.30
N PRO A 241 13.16 -5.92 -2.88
CA PRO A 241 13.88 -5.11 -1.89
C PRO A 241 13.85 -3.64 -2.31
N SER A 242 13.91 -3.41 -3.61
CA SER A 242 13.88 -2.06 -4.16
C SER A 242 12.62 -1.34 -3.73
N PHE A 243 11.49 -2.05 -3.74
CA PHE A 243 10.24 -1.46 -3.33
C PHE A 243 10.21 -1.27 -1.81
N PHE A 244 10.58 -2.31 -1.07
CA PHE A 244 10.59 -2.24 0.39
C PHE A 244 11.44 -1.09 0.95
N LEU A 245 12.57 -0.81 0.31
CA LEU A 245 13.46 0.23 0.81
C LEU A 245 13.38 1.55 0.03
N TYR A 246 12.41 1.65 -0.86
CA TYR A 246 12.23 2.86 -1.64
C TYR A 246 12.23 4.09 -0.74
N ARG A 247 13.00 5.12 -1.11
CA ARG A 247 13.08 6.34 -0.31
C ARG A 247 12.41 7.51 -1.05
N SER A 248 12.84 7.80 -2.28
CA SER A 248 12.26 8.91 -3.03
C SER A 248 12.50 8.78 -4.52
N GLY A 249 11.76 9.57 -5.29
CA GLY A 249 11.91 9.57 -6.73
C GLY A 249 10.85 8.76 -7.45
N VAL A 250 11.12 8.44 -8.70
CA VAL A 250 10.19 7.65 -9.47
C VAL A 250 10.68 6.22 -9.46
N TYR A 251 9.88 5.33 -8.89
CA TYR A 251 10.26 3.94 -8.80
C TYR A 251 10.04 3.20 -10.11
N TYR A 252 11.09 2.51 -10.54
CA TYR A 252 11.05 1.69 -11.75
C TYR A 252 11.99 0.52 -11.51
N GLU A 253 11.43 -0.69 -11.48
CA GLU A 253 12.20 -1.90 -11.25
C GLU A 253 12.07 -2.85 -12.44
N PRO A 254 13.12 -2.99 -13.25
CA PRO A 254 13.03 -3.88 -14.41
C PRO A 254 12.61 -5.32 -14.10
N SER A 255 12.82 -5.76 -12.86
CA SER A 255 12.43 -7.10 -12.48
C SER A 255 10.95 -7.18 -12.04
N CYS A 256 10.22 -6.08 -12.09
CA CYS A 256 8.83 -6.11 -11.69
C CYS A 256 8.02 -6.95 -12.63
N THR A 257 6.93 -7.49 -12.13
CA THR A 257 6.06 -8.33 -12.94
C THR A 257 4.63 -7.88 -12.74
N GLN A 258 3.71 -8.56 -13.41
CA GLN A 258 2.28 -8.25 -13.30
C GLN A 258 1.61 -9.12 -12.24
N ASN A 259 2.39 -9.95 -11.57
CA ASN A 259 1.84 -10.81 -10.52
C ASN A 259 1.82 -9.98 -9.23
N VAL A 260 0.73 -9.24 -9.05
CA VAL A 260 0.57 -8.36 -7.90
C VAL A 260 0.49 -9.10 -6.57
N ASN A 261 0.88 -8.44 -5.50
CA ASN A 261 0.85 -9.05 -4.18
C ASN A 261 0.62 -8.07 -3.05
N HIS A 262 0.51 -6.79 -3.38
CA HIS A 262 0.33 -5.77 -2.36
C HIS A 262 -0.74 -4.77 -2.77
N GLY A 263 -1.66 -4.47 -1.86
CA GLY A 263 -2.75 -3.55 -2.17
C GLY A 263 -2.40 -2.12 -1.80
N VAL A 264 -2.53 -1.21 -2.74
CA VAL A 264 -2.23 0.19 -2.50
C VAL A 264 -3.31 1.08 -3.11
N LEU A 265 -3.13 2.38 -2.99
CA LEU A 265 -4.12 3.34 -3.48
C LEU A 265 -3.50 4.39 -4.37
N VAL A 266 -4.00 4.50 -5.60
CA VAL A 266 -3.49 5.51 -6.51
C VAL A 266 -4.28 6.79 -6.23
N VAL A 267 -3.62 7.82 -5.70
CA VAL A 267 -4.30 9.07 -5.39
C VAL A 267 -3.93 10.20 -6.34
N GLY A 268 -3.22 9.86 -7.40
CA GLY A 268 -2.84 10.88 -8.37
C GLY A 268 -1.78 10.41 -9.36
N TYR A 269 -1.29 11.34 -10.16
CA TYR A 269 -0.28 11.06 -11.15
C TYR A 269 0.38 12.36 -11.61
N GLY A 270 1.54 12.25 -12.24
CA GLY A 270 2.25 13.43 -12.70
C GLY A 270 3.52 13.00 -13.41
N ASP A 271 4.54 13.84 -13.31
CA ASP A 271 5.81 13.54 -13.94
C ASP A 271 6.90 14.37 -13.26
N LEU A 272 8.07 13.77 -13.12
CA LEU A 272 9.21 14.44 -12.50
C LEU A 272 10.34 14.46 -13.51
N ASN A 273 10.65 15.64 -14.02
CA ASN A 273 11.74 15.77 -15.00
C ASN A 273 11.45 14.94 -16.26
N GLY A 274 10.18 14.82 -16.61
CA GLY A 274 9.83 14.05 -17.79
C GLY A 274 9.32 12.64 -17.49
N LYS A 275 9.83 12.04 -16.42
CA LYS A 275 9.43 10.69 -16.00
C LYS A 275 8.01 10.70 -15.41
N GLU A 276 7.05 10.11 -16.13
CA GLU A 276 5.67 10.07 -15.65
C GLU A 276 5.49 9.05 -14.53
N TYR A 277 4.56 9.31 -13.63
CA TYR A 277 4.35 8.42 -12.50
C TYR A 277 2.96 8.42 -11.91
N TRP A 278 2.70 7.39 -11.09
CA TRP A 278 1.45 7.25 -10.37
C TRP A 278 1.78 7.63 -8.93
N LEU A 279 0.93 8.43 -8.29
CA LEU A 279 1.15 8.83 -6.91
C LEU A 279 0.43 7.75 -6.12
N VAL A 280 1.21 6.90 -5.47
CA VAL A 280 0.67 5.77 -4.72
C VAL A 280 0.78 5.90 -3.22
N LYS A 281 -0.36 5.84 -2.54
CA LYS A 281 -0.36 5.91 -1.10
C LYS A 281 -0.15 4.50 -0.56
N ASN A 282 0.86 4.31 0.29
CA ASN A 282 1.12 2.98 0.86
C ASN A 282 0.53 2.94 2.27
N SER A 283 0.71 1.83 2.98
CA SER A 283 0.19 1.71 4.34
C SER A 283 1.27 1.17 5.26
N TRP A 284 2.49 1.69 5.12
CA TRP A 284 3.61 1.24 5.94
C TRP A 284 4.13 2.39 6.75
N GLY A 285 3.23 3.31 7.10
CA GLY A 285 3.60 4.47 7.90
C GLY A 285 4.28 5.64 7.19
N HIS A 286 4.42 6.74 7.92
CA HIS A 286 5.02 7.95 7.39
C HIS A 286 6.50 7.84 7.04
N ASN A 287 7.22 6.92 7.66
CA ASN A 287 8.65 6.77 7.40
C ASN A 287 9.00 5.90 6.20
N PHE A 288 8.00 5.50 5.44
CA PHE A 288 8.26 4.72 4.24
C PHE A 288 8.23 5.70 3.07
N GLY A 289 9.17 5.54 2.14
CA GLY A 289 9.22 6.38 0.97
C GLY A 289 9.07 7.88 1.19
N GLU A 290 8.23 8.50 0.37
CA GLU A 290 7.99 9.95 0.46
C GLU A 290 6.79 10.23 1.36
N GLU A 291 7.07 10.37 2.65
CA GLU A 291 6.00 10.65 3.61
C GLU A 291 4.93 9.56 3.58
N GLY A 292 5.33 8.33 3.26
CA GLY A 292 4.38 7.23 3.23
C GLY A 292 3.90 6.86 1.83
N TYR A 293 4.32 7.66 0.85
CA TYR A 293 3.93 7.48 -0.54
C TYR A 293 5.07 7.04 -1.41
N ILE A 294 4.72 6.43 -2.53
CA ILE A 294 5.71 6.02 -3.48
C ILE A 294 5.20 6.43 -4.87
N ARG A 295 6.09 7.03 -5.65
CA ARG A 295 5.75 7.45 -7.00
C ARG A 295 6.29 6.34 -7.89
N MET A 296 5.37 5.63 -8.54
CA MET A 296 5.73 4.52 -9.38
C MET A 296 5.59 4.85 -10.87
N ALA A 297 6.49 4.28 -11.68
CA ALA A 297 6.51 4.51 -13.12
C ALA A 297 5.16 4.35 -13.80
N ARG A 298 4.81 5.36 -14.61
CA ARG A 298 3.55 5.39 -15.34
C ARG A 298 3.81 5.31 -16.85
N ASN A 299 2.92 4.62 -17.55
CA ASN A 299 3.03 4.44 -19.01
C ASN A 299 4.32 3.74 -19.39
N LYS A 300 4.62 2.67 -18.66
CA LYS A 300 5.80 1.87 -18.89
C LYS A 300 5.39 0.40 -18.92
N GLY A 301 4.46 0.07 -19.81
CA GLY A 301 4.00 -1.30 -19.93
C GLY A 301 3.31 -1.86 -18.70
N ASN A 302 2.49 -1.05 -18.04
CA ASN A 302 1.78 -1.50 -16.83
C ASN A 302 2.82 -1.99 -15.82
N HIS A 303 3.73 -1.10 -15.47
CA HIS A 303 4.82 -1.36 -14.54
C HIS A 303 4.32 -1.90 -13.21
N CYS A 304 4.82 -3.08 -12.86
CA CYS A 304 4.46 -3.76 -11.62
C CYS A 304 2.97 -4.13 -11.54
N GLY A 305 2.32 -4.11 -12.70
CA GLY A 305 0.92 -4.48 -12.77
C GLY A 305 0.01 -3.49 -12.08
N ILE A 306 0.49 -2.26 -11.91
CA ILE A 306 -0.33 -1.27 -11.24
C ILE A 306 -1.71 -1.08 -11.86
N ALA A 307 -1.85 -1.33 -13.16
CA ALA A 307 -3.16 -1.18 -13.80
C ALA A 307 -3.87 -2.51 -14.05
N SER A 308 -3.41 -3.60 -13.44
CA SER A 308 -4.03 -4.90 -13.67
C SER A 308 -5.35 -5.13 -12.95
N PHE A 309 -5.49 -4.60 -11.73
CA PHE A 309 -6.72 -4.80 -10.95
C PHE A 309 -7.23 -3.49 -10.35
N PRO A 310 -7.56 -2.50 -11.20
CA PRO A 310 -8.03 -1.24 -10.61
C PRO A 310 -9.53 -1.26 -10.34
N SER A 311 -9.94 -0.63 -9.24
CA SER A 311 -11.34 -0.51 -8.86
C SER A 311 -11.51 0.68 -7.91
N TYR A 312 -12.71 1.25 -7.89
CA TYR A 312 -13.00 2.39 -7.02
C TYR A 312 -14.44 2.31 -6.58
N PRO A 313 -14.72 2.63 -5.31
CA PRO A 313 -16.07 2.59 -4.73
C PRO A 313 -16.80 3.92 -4.87
N GLU A 314 -18.08 3.92 -4.46
CA GLU A 314 -18.90 5.12 -4.46
C GLU A 314 -19.89 5.04 -3.30
N ILE A 315 -20.12 6.16 -2.65
CA ILE A 315 -21.02 6.21 -1.51
C ILE A 315 -22.37 5.59 -1.84
#